data_7HPB
#
_entry.id   7HPB
#
_cell.length_a   42.553
_cell.length_b   42.553
_cell.length_c   215.874
_cell.angle_alpha   90.00
_cell.angle_beta   90.00
_cell.angle_gamma   90.00
#
_symmetry.space_group_name_H-M   'P 43 2 2'
#
loop_
_entity.id
_entity.type
_entity.pdbx_description
1 polymer 'Serine protease subunit NS2B'
2 polymer 'Serine protease NS3'
3 non-polymer 'DIMETHYL SULFOXIDE'
4 non-polymer N-{3-chloro-5-[(1-hydroxy-2-methylpropan-2-yl)carbamoyl]phenyl}-2-methyl-3-oxo-2,3-dihydro-1,2-oxazole-5-carboxamide
5 water water
#
loop_
_entity_poly.entity_id
_entity_poly.type
_entity_poly.pdbx_seq_one_letter_code
_entity_poly.pdbx_strand_id
1 'polypeptide(L)' SMGKSVDMYIERAGDITWEKDAEVTGNSPRLDVALDESGDFSLVEE A
2 'polypeptide(L)'
;MKEVKKGETTDGVYRVMTRRLLGSTQVGVGVMQEGVFHTMWHVTKGAALRSGEGRLDPYWGDVKQDLVSYCGPWKLDAAW
DGLSEVQLLAVPPGERAKNIQTLPGIFKTKDGDIGAVALDYPAGTSGSPILDKCGRVIGLYGNGVVIKNGSYVSAITQGK
REEETPVE
;
B
#
loop_
_chem_comp.id
_chem_comp.type
_chem_comp.name
_chem_comp.formula
A1BGR non-polymer N-{3-chloro-5-[(1-hydroxy-2-methylpropan-2-yl)carbamoyl]phenyl}-2-methyl-3-oxo-2,3-dihydro-1,2-oxazole-5-carboxamide 'C16 H18 Cl N3 O5'
DMS non-polymer 'DIMETHYL SULFOXIDE' 'C2 H6 O S'
#
# COMPACT_ATOMS: atom_id res chain seq x y z
N ASP A 7 -14.64 6.43 -14.49
CA ASP A 7 -15.07 5.81 -13.23
C ASP A 7 -14.08 4.72 -12.84
N MET A 8 -13.73 4.65 -11.57
CA MET A 8 -12.79 3.65 -11.07
C MET A 8 -13.51 2.40 -10.57
N TYR A 9 -12.87 1.23 -10.70
CA TYR A 9 -13.46 -0.03 -10.26
C TYR A 9 -12.40 -1.00 -9.69
N ILE A 10 -12.83 -1.99 -8.89
CA ILE A 10 -11.89 -2.93 -8.29
C ILE A 10 -12.06 -4.37 -8.82
N GLU A 11 -10.94 -5.10 -8.90
CA GLU A 11 -10.91 -6.51 -9.33
C GLU A 11 -10.06 -7.30 -8.30
N ARG A 12 -10.54 -8.46 -7.84
CA ARG A 12 -9.78 -9.26 -6.89
C ARG A 12 -8.48 -9.76 -7.52
N ALA A 13 -7.39 -9.63 -6.77
CA ALA A 13 -6.06 -10.04 -7.24
C ALA A 13 -5.45 -11.19 -6.44
N GLY A 14 -6.03 -11.57 -5.30
CA GLY A 14 -5.50 -12.68 -4.52
C GLY A 14 -5.80 -12.65 -3.04
N ASP A 15 -5.30 -13.66 -2.30
CA ASP A 15 -5.47 -13.76 -0.85
C ASP A 15 -4.31 -13.11 -0.14
N ILE A 16 -4.54 -12.63 1.08
CA ILE A 16 -3.48 -12.04 1.88
C ILE A 16 -2.90 -13.13 2.79
N THR A 17 -1.79 -13.73 2.33
N THR A 17 -1.78 -13.71 2.35
CA THR A 17 -1.09 -14.78 3.08
CA THR A 17 -1.13 -14.81 3.06
C THR A 17 0.42 -14.58 3.00
C THR A 17 0.41 -14.68 2.94
N TRP A 18 1.15 -15.12 3.96
CA TRP A 18 2.60 -15.11 3.93
C TRP A 18 2.98 -16.42 3.15
N GLU A 19 3.95 -16.36 2.23
CA GLU A 19 4.38 -17.55 1.49
C GLU A 19 5.75 -17.96 1.93
N LYS A 20 5.90 -19.20 2.43
CA LYS A 20 7.21 -19.70 2.85
C LYS A 20 8.05 -19.90 1.59
N ASP A 21 9.33 -19.53 1.65
CA ASP A 21 10.23 -19.67 0.49
C ASP A 21 9.79 -18.78 -0.68
N ALA A 22 9.62 -17.48 -0.39
CA ALA A 22 9.33 -16.47 -1.39
C ALA A 22 10.68 -15.82 -1.83
N GLU A 23 10.70 -15.06 -2.93
CA GLU A 23 11.92 -14.38 -3.38
C GLU A 23 12.33 -13.32 -2.35
N VAL A 24 13.52 -13.50 -1.71
CA VAL A 24 14.04 -12.58 -0.69
C VAL A 24 15.05 -11.62 -1.35
N THR A 25 14.71 -10.31 -1.40
CA THR A 25 15.55 -9.27 -2.02
C THR A 25 15.33 -7.86 -1.36
N GLY A 26 16.10 -6.85 -1.78
CA GLY A 26 15.99 -5.51 -1.24
C GLY A 26 16.86 -5.23 -0.04
N ASN A 27 17.35 -4.00 0.07
CA ASN A 27 18.16 -3.59 1.21
C ASN A 27 17.28 -2.87 2.29
N SER A 28 17.90 -2.40 3.41
CA SER A 28 17.26 -1.73 4.55
C SER A 28 17.94 -0.37 4.83
N PRO A 29 17.75 0.63 3.95
CA PRO A 29 18.43 1.92 4.15
C PRO A 29 17.79 2.75 5.26
N ARG A 30 18.60 3.56 5.99
CA ARG A 30 18.12 4.46 7.03
C ARG A 30 18.22 5.85 6.45
N LEU A 31 17.11 6.51 6.22
CA LEU A 31 17.08 7.81 5.55
C LEU A 31 16.49 8.89 6.41
N ASP A 32 17.07 10.09 6.38
CA ASP A 32 16.49 11.24 7.09
C ASP A 32 15.49 11.83 6.09
N VAL A 33 14.18 11.86 6.42
CA VAL A 33 13.18 12.38 5.48
C VAL A 33 12.28 13.47 6.09
N ALA A 34 11.52 14.18 5.22
CA ALA A 34 10.56 15.19 5.65
C ALA A 34 9.22 14.95 4.95
N LEU A 35 8.13 14.99 5.72
CA LEU A 35 6.77 14.80 5.22
C LEU A 35 6.12 16.19 5.17
N ASP A 36 5.73 16.65 3.98
CA ASP A 36 5.09 17.94 3.84
C ASP A 36 3.57 17.82 4.10
N GLU A 37 2.85 18.94 4.09
CA GLU A 37 1.43 18.97 4.33
C GLU A 37 0.60 18.26 3.23
N SER A 38 1.17 18.04 2.04
CA SER A 38 0.49 17.32 0.97
C SER A 38 0.72 15.80 1.02
N GLY A 39 1.36 15.29 2.07
CA GLY A 39 1.62 13.86 2.20
C GLY A 39 2.80 13.38 1.39
N ASP A 40 3.65 14.30 0.89
CA ASP A 40 4.83 13.91 0.11
C ASP A 40 6.12 13.80 0.96
N PHE A 41 6.88 12.74 0.75
CA PHE A 41 8.14 12.53 1.44
C PHE A 41 9.26 13.13 0.60
N SER A 42 10.30 13.61 1.25
CA SER A 42 11.47 14.16 0.58
C SER A 42 12.74 13.86 1.39
N LEU A 43 13.90 13.79 0.73
CA LEU A 43 15.15 13.51 1.44
C LEU A 43 15.72 14.75 2.11
N VAL A 44 16.10 14.59 3.39
CA VAL A 44 16.72 15.63 4.21
C VAL A 44 18.16 15.22 4.40
N GLU A 45 19.11 16.06 3.96
CA GLU A 45 20.52 15.72 4.14
C GLU A 45 21.34 16.93 4.62
N GLY B 7 -21.35 -5.62 -4.30
CA GLY B 7 -20.87 -6.65 -5.23
C GLY B 7 -19.85 -7.58 -4.62
N GLU B 8 -18.55 -7.24 -4.73
CA GLU B 8 -17.50 -8.09 -4.16
C GLU B 8 -16.97 -7.55 -2.81
N THR B 9 -17.38 -8.19 -1.72
N THR B 9 -17.38 -8.19 -1.72
CA THR B 9 -16.96 -7.78 -0.37
CA THR B 9 -16.94 -7.79 -0.38
C THR B 9 -16.02 -8.82 0.29
C THR B 9 -16.01 -8.82 0.27
N THR B 10 -15.51 -9.80 -0.50
CA THR B 10 -14.61 -10.84 0.02
C THR B 10 -13.26 -10.27 0.49
N ASP B 11 -12.76 -10.72 1.66
CA ASP B 11 -11.44 -10.35 2.16
C ASP B 11 -10.37 -10.74 1.10
N GLY B 12 -9.33 -9.93 0.95
CA GLY B 12 -8.28 -10.18 -0.03
C GLY B 12 -7.67 -8.90 -0.59
N VAL B 13 -6.74 -9.04 -1.56
CA VAL B 13 -6.05 -7.91 -2.22
C VAL B 13 -6.71 -7.66 -3.60
N TYR B 14 -6.91 -6.39 -3.97
CA TYR B 14 -7.64 -6.01 -5.18
C TYR B 14 -6.87 -4.99 -6.00
N ARG B 15 -7.06 -5.00 -7.32
CA ARG B 15 -6.49 -3.97 -8.19
C ARG B 15 -7.48 -2.81 -8.27
N VAL B 16 -6.98 -1.59 -8.46
CA VAL B 16 -7.81 -0.39 -8.66
C VAL B 16 -7.58 0.03 -10.10
N MET B 17 -8.63 -0.02 -10.90
CA MET B 17 -8.58 0.24 -12.34
C MET B 17 -9.41 1.46 -12.74
N THR B 18 -9.10 2.04 -13.91
CA THR B 18 -9.84 3.15 -14.51
C THR B 18 -9.98 2.94 -16.01
N ARG B 19 -11.07 3.46 -16.58
CA ARG B 19 -11.30 3.38 -18.01
C ARG B 19 -11.20 4.76 -18.72
N ARG B 20 -10.90 5.84 -17.95
CA ARG B 20 -10.77 7.23 -18.39
C ARG B 20 -9.66 7.42 -19.43
N LEU B 21 -8.48 6.83 -19.21
CA LEU B 21 -7.39 6.91 -20.18
C LEU B 21 -7.63 5.85 -21.30
N LEU B 22 -6.58 5.51 -22.07
CA LEU B 22 -6.66 4.49 -23.12
C LEU B 22 -6.83 3.12 -22.42
N GLY B 23 -7.69 2.25 -22.97
CA GLY B 23 -7.94 0.93 -22.42
C GLY B 23 -8.26 0.89 -20.93
N SER B 24 -7.87 -0.20 -20.26
CA SER B 24 -8.07 -0.32 -18.82
C SER B 24 -6.69 -0.11 -18.19
N THR B 25 -6.59 0.88 -17.30
CA THR B 25 -5.32 1.22 -16.65
C THR B 25 -5.36 1.01 -15.15
N GLN B 26 -4.33 0.36 -14.60
CA GLN B 26 -4.22 0.13 -13.15
C GLN B 26 -3.57 1.35 -12.49
N VAL B 27 -4.35 2.07 -11.67
CA VAL B 27 -3.84 3.23 -10.93
C VAL B 27 -3.27 2.88 -9.54
N GLY B 28 -3.68 1.74 -9.00
CA GLY B 28 -3.22 1.30 -7.69
C GLY B 28 -3.81 -0.03 -7.29
N VAL B 29 -3.67 -0.37 -5.99
CA VAL B 29 -4.06 -1.63 -5.33
C VAL B 29 -4.70 -1.30 -3.95
N GLY B 30 -5.41 -2.24 -3.37
CA GLY B 30 -6.03 -2.07 -2.06
C GLY B 30 -6.34 -3.35 -1.31
N VAL B 31 -6.69 -3.22 -0.03
CA VAL B 31 -6.98 -4.34 0.84
C VAL B 31 -8.40 -4.34 1.31
N MET B 32 -9.12 -5.45 1.09
CA MET B 32 -10.47 -5.58 1.61
C MET B 32 -10.36 -6.43 2.85
N GLN B 33 -10.88 -5.92 3.98
CA GLN B 33 -10.88 -6.62 5.25
C GLN B 33 -12.07 -6.13 6.07
N GLU B 34 -12.84 -7.05 6.65
CA GLU B 34 -14.00 -6.77 7.49
C GLU B 34 -15.05 -5.85 6.80
N GLY B 35 -15.19 -6.01 5.48
CA GLY B 35 -16.14 -5.22 4.72
C GLY B 35 -15.71 -3.81 4.40
N VAL B 36 -14.41 -3.49 4.60
CA VAL B 36 -13.86 -2.16 4.35
C VAL B 36 -12.71 -2.22 3.30
N PHE B 37 -12.72 -1.27 2.35
CA PHE B 37 -11.64 -1.24 1.35
C PHE B 37 -10.62 -0.17 1.77
N HIS B 38 -9.35 -0.56 1.89
CA HIS B 38 -8.27 0.29 2.34
C HIS B 38 -7.32 0.50 1.20
N THR B 39 -7.04 1.76 0.83
CA THR B 39 -6.06 2.05 -0.22
C THR B 39 -5.30 3.38 0.09
N MET B 40 -4.47 3.88 -0.84
CA MET B 40 -3.75 5.11 -0.66
C MET B 40 -4.56 6.26 -1.25
N TRP B 41 -4.62 7.42 -0.56
CA TRP B 41 -5.38 8.58 -1.05
CA TRP B 41 -5.39 8.56 -1.06
C TRP B 41 -5.00 8.98 -2.47
N HIS B 42 -3.69 9.05 -2.79
CA HIS B 42 -3.29 9.47 -4.15
C HIS B 42 -3.75 8.53 -5.28
N VAL B 43 -4.13 7.28 -4.98
CA VAL B 43 -4.63 6.33 -5.97
C VAL B 43 -6.06 6.72 -6.45
N THR B 44 -6.97 7.00 -5.51
CA THR B 44 -8.35 7.33 -5.88
C THR B 44 -8.68 8.83 -5.84
N LYS B 45 -7.89 9.61 -5.09
CA LYS B 45 -8.17 11.02 -4.80
C LYS B 45 -9.53 11.16 -4.02
N GLY B 46 -9.96 10.10 -3.34
CA GLY B 46 -11.20 10.07 -2.57
C GLY B 46 -12.45 9.78 -3.36
N ALA B 47 -12.32 9.45 -4.66
CA ALA B 47 -13.48 9.21 -5.51
C ALA B 47 -14.12 7.85 -5.23
N ALA B 48 -15.45 7.75 -5.49
CA ALA B 48 -16.26 6.52 -5.36
C ALA B 48 -15.68 5.39 -6.21
N LEU B 49 -15.95 4.15 -5.82
CA LEU B 49 -15.44 2.99 -6.53
C LEU B 49 -16.59 2.07 -6.95
N ARG B 50 -16.37 1.26 -7.99
CA ARG B 50 -17.36 0.30 -8.47
C ARG B 50 -16.82 -1.12 -8.22
N SER B 51 -17.72 -2.06 -7.91
CA SER B 51 -17.34 -3.45 -7.65
C SER B 51 -18.50 -4.28 -8.13
N GLY B 52 -18.47 -4.68 -9.40
CA GLY B 52 -19.57 -5.41 -10.02
C GLY B 52 -20.75 -4.48 -10.14
N GLU B 53 -21.94 -4.91 -9.68
CA GLU B 53 -23.10 -4.01 -9.66
C GLU B 53 -23.07 -3.06 -8.42
N GLY B 54 -22.21 -3.35 -7.45
CA GLY B 54 -22.09 -2.57 -6.23
C GLY B 54 -21.24 -1.32 -6.30
N ARG B 55 -21.46 -0.41 -5.38
CA ARG B 55 -20.74 0.84 -5.31
C ARG B 55 -20.10 0.98 -3.91
N LEU B 56 -18.82 1.32 -3.85
CA LEU B 56 -18.16 1.58 -2.59
C LEU B 56 -17.98 3.12 -2.42
N ASP B 57 -18.50 3.69 -1.34
CA ASP B 57 -18.32 5.13 -1.08
C ASP B 57 -17.20 5.36 -0.02
N PRO B 58 -16.42 6.47 -0.10
CA PRO B 58 -15.36 6.69 0.91
C PRO B 58 -15.97 7.03 2.29
N TYR B 59 -15.29 6.66 3.39
CA TYR B 59 -15.81 6.87 4.74
C TYR B 59 -14.85 7.73 5.57
N TRP B 60 -13.56 7.50 5.40
CA TRP B 60 -12.53 8.23 6.09
C TRP B 60 -11.35 8.38 5.16
N GLY B 61 -10.65 9.48 5.28
CA GLY B 61 -9.47 9.74 4.50
C GLY B 61 -8.64 10.86 5.06
N ASP B 62 -7.34 10.89 4.71
CA ASP B 62 -6.43 11.95 5.12
C ASP B 62 -5.25 12.04 4.10
N VAL B 63 -5.13 13.18 3.37
CA VAL B 63 -4.06 13.47 2.40
C VAL B 63 -2.66 13.38 3.04
N LYS B 64 -2.46 13.90 4.29
CA LYS B 64 -1.13 13.83 4.90
C LYS B 64 -0.70 12.40 5.21
N GLN B 65 -1.63 11.56 5.71
CA GLN B 65 -1.28 10.14 5.91
C GLN B 65 -1.24 9.37 4.56
N ASP B 66 -1.92 9.91 3.53
CA ASP B 66 -2.06 9.33 2.20
C ASP B 66 -2.86 8.04 2.31
N LEU B 67 -3.94 8.04 3.10
CA LEU B 67 -4.79 6.85 3.25
C LEU B 67 -6.25 7.14 3.05
N VAL B 68 -7.04 6.13 2.66
CA VAL B 68 -8.48 6.26 2.50
C VAL B 68 -9.18 4.89 2.78
N SER B 69 -10.30 4.91 3.49
CA SER B 69 -11.08 3.71 3.76
C SER B 69 -12.48 3.86 3.13
N TYR B 70 -13.04 2.76 2.64
CA TYR B 70 -14.32 2.75 1.92
C TYR B 70 -15.29 1.79 2.62
N CYS B 71 -16.57 2.24 2.79
CA CYS B 71 -17.65 1.46 3.42
C CYS B 71 -17.57 1.40 4.94
N GLY B 72 -16.51 1.90 5.54
CA GLY B 72 -16.38 1.86 6.98
C GLY B 72 -15.07 2.39 7.47
N PRO B 73 -14.86 2.45 8.79
CA PRO B 73 -13.58 2.95 9.32
C PRO B 73 -12.36 2.04 9.06
N TRP B 74 -11.15 2.61 9.18
CA TRP B 74 -9.89 1.89 8.96
C TRP B 74 -9.82 0.70 9.94
N LYS B 75 -9.58 -0.51 9.40
CA LYS B 75 -9.58 -1.76 10.15
C LYS B 75 -8.20 -2.32 10.43
N LEU B 76 -7.21 -1.98 9.59
CA LEU B 76 -5.85 -2.51 9.71
C LEU B 76 -5.06 -1.85 10.85
N ASP B 77 -4.67 -2.63 11.86
CA ASP B 77 -3.95 -2.08 13.00
C ASP B 77 -2.59 -2.78 13.32
N ALA B 78 -2.30 -3.95 12.76
CA ALA B 78 -1.02 -4.63 13.04
C ALA B 78 0.21 -3.72 12.76
N ALA B 79 1.31 -3.88 13.51
CA ALA B 79 2.49 -3.03 13.35
C ALA B 79 3.77 -3.81 13.14
N TRP B 80 4.75 -3.21 12.43
CA TRP B 80 6.08 -3.80 12.24
C TRP B 80 6.77 -3.87 13.62
N ASP B 81 7.40 -5.00 13.96
CA ASP B 81 8.03 -5.15 15.27
C ASP B 81 9.38 -4.42 15.43
N GLY B 82 9.95 -3.97 14.30
CA GLY B 82 11.23 -3.28 14.26
C GLY B 82 12.42 -4.20 14.03
N LEU B 83 12.20 -5.53 14.06
CA LEU B 83 13.29 -6.48 13.90
C LEU B 83 13.17 -7.38 12.71
N SER B 84 11.99 -7.96 12.52
CA SER B 84 11.75 -9.00 11.54
C SER B 84 11.64 -8.56 10.09
N GLU B 85 11.91 -9.53 9.19
CA GLU B 85 11.70 -9.42 7.76
C GLU B 85 10.16 -9.43 7.50
N VAL B 86 9.73 -8.82 6.39
CA VAL B 86 8.32 -8.74 6.01
C VAL B 86 8.18 -9.18 4.55
N GLN B 87 6.93 -9.26 4.04
CA GLN B 87 6.71 -9.57 2.64
C GLN B 87 5.84 -8.49 2.03
N LEU B 88 6.25 -7.97 0.88
CA LEU B 88 5.41 -7.06 0.12
C LEU B 88 4.56 -8.01 -0.76
N LEU B 89 3.23 -7.94 -0.64
CA LEU B 89 2.37 -8.73 -1.51
C LEU B 89 2.09 -7.77 -2.66
N ALA B 90 3.03 -7.74 -3.62
CA ALA B 90 3.00 -6.84 -4.75
C ALA B 90 1.99 -7.25 -5.80
N VAL B 91 1.12 -6.31 -6.21
CA VAL B 91 0.17 -6.57 -7.29
C VAL B 91 0.49 -5.61 -8.44
N PRO B 92 1.46 -5.98 -9.31
CA PRO B 92 1.88 -5.06 -10.38
C PRO B 92 0.91 -4.97 -11.55
N PRO B 93 0.90 -3.85 -12.30
CA PRO B 93 -0.06 -3.74 -13.42
C PRO B 93 0.10 -4.79 -14.51
N GLY B 94 -0.97 -5.56 -14.72
CA GLY B 94 -1.04 -6.61 -15.72
C GLY B 94 -0.30 -7.88 -15.36
N GLU B 95 0.22 -7.97 -14.13
CA GLU B 95 1.00 -9.13 -13.69
C GLU B 95 0.37 -9.74 -12.45
N ARG B 96 0.68 -11.00 -12.19
CA ARG B 96 0.10 -11.73 -11.07
C ARG B 96 0.64 -11.26 -9.72
N ALA B 97 -0.19 -11.39 -8.66
CA ALA B 97 0.17 -11.06 -7.27
C ALA B 97 1.39 -11.91 -6.87
N LYS B 98 2.40 -11.29 -6.26
CA LYS B 98 3.65 -11.98 -5.92
C LYS B 98 4.26 -11.48 -4.61
N ASN B 99 4.60 -12.40 -3.69
CA ASN B 99 5.19 -12.04 -2.41
C ASN B 99 6.70 -11.86 -2.52
N ILE B 100 7.22 -10.72 -2.11
CA ILE B 100 8.65 -10.44 -2.12
C ILE B 100 9.08 -10.18 -0.70
N GLN B 101 9.92 -11.04 -0.15
CA GLN B 101 10.40 -10.88 1.21
C GLN B 101 11.58 -9.93 1.27
N THR B 102 11.57 -9.03 2.26
CA THR B 102 12.64 -8.07 2.44
C THR B 102 12.75 -7.65 3.91
N LEU B 103 13.90 -7.05 4.30
CA LEU B 103 14.03 -6.54 5.65
C LEU B 103 13.90 -5.03 5.53
N PRO B 104 12.91 -4.46 6.22
CA PRO B 104 12.71 -3.00 6.13
C PRO B 104 13.82 -2.13 6.70
N GLY B 105 13.97 -0.97 6.08
CA GLY B 105 14.84 0.09 6.53
C GLY B 105 14.05 1.04 7.43
N ILE B 106 14.50 2.28 7.57
CA ILE B 106 13.86 3.25 8.44
C ILE B 106 13.84 4.61 7.80
N PHE B 107 12.72 5.31 7.94
CA PHE B 107 12.59 6.71 7.58
C PHE B 107 12.65 7.44 8.92
N LYS B 108 13.68 8.28 9.13
CA LYS B 108 13.79 9.08 10.35
C LYS B 108 13.18 10.43 10.07
N THR B 109 12.15 10.80 10.83
CA THR B 109 11.47 12.08 10.69
C THR B 109 11.51 12.85 12.00
N LYS B 110 11.34 14.18 11.94
CA LYS B 110 11.29 15.01 13.15
C LYS B 110 10.17 14.59 14.11
N ASP B 111 9.22 13.75 13.66
CA ASP B 111 8.12 13.29 14.50
C ASP B 111 8.15 11.80 14.84
N GLY B 112 9.25 11.12 14.56
CA GLY B 112 9.38 9.69 14.86
C GLY B 112 9.87 8.86 13.69
N ASP B 113 10.31 7.64 13.98
CA ASP B 113 10.81 6.73 12.95
C ASP B 113 9.70 5.83 12.43
N ILE B 114 9.73 5.51 11.12
CA ILE B 114 8.75 4.66 10.45
C ILE B 114 9.52 3.62 9.64
N GLY B 115 8.96 2.42 9.50
CA GLY B 115 9.57 1.40 8.65
C GLY B 115 9.55 1.83 7.20
N ALA B 116 10.44 1.28 6.39
CA ALA B 116 10.50 1.61 4.96
C ALA B 116 10.86 0.36 4.13
N VAL B 117 10.25 0.20 2.93
CA VAL B 117 10.54 -0.94 2.08
CA VAL B 117 10.52 -0.94 2.06
C VAL B 117 11.22 -0.51 0.77
N ALA B 118 12.43 -1.05 0.51
CA ALA B 118 13.19 -0.66 -0.68
C ALA B 118 13.05 -1.61 -1.86
N LEU B 119 11.90 -1.54 -2.55
CA LEU B 119 11.63 -2.38 -3.73
C LEU B 119 11.15 -1.53 -4.91
N ASP B 120 11.63 -1.86 -6.11
CA ASP B 120 11.31 -1.11 -7.33
C ASP B 120 10.13 -1.68 -8.11
N TYR B 121 9.02 -0.95 -8.10
CA TYR B 121 7.82 -1.36 -8.81
C TYR B 121 7.15 -0.16 -9.43
N PRO B 122 6.45 -0.34 -10.57
CA PRO B 122 5.76 0.81 -11.18
C PRO B 122 4.70 1.44 -10.27
N ALA B 123 4.45 2.75 -10.44
CA ALA B 123 3.50 3.55 -9.66
C ALA B 123 2.10 2.89 -9.48
N GLY B 124 1.65 2.14 -10.49
CA GLY B 124 0.37 1.42 -10.44
C GLY B 124 0.31 0.33 -9.38
N THR B 125 1.43 0.09 -8.68
CA THR B 125 1.53 -0.89 -7.61
C THR B 125 1.20 -0.27 -6.24
N SER B 126 0.96 1.08 -6.15
CA SER B 126 0.67 1.77 -4.90
C SER B 126 -0.56 1.17 -4.25
N GLY B 127 -0.48 0.87 -2.96
CA GLY B 127 -1.58 0.32 -2.20
C GLY B 127 -1.38 -1.15 -1.85
N SER B 128 -0.35 -1.81 -2.46
CA SER B 128 -0.02 -3.21 -2.21
C SER B 128 0.30 -3.38 -0.73
N PRO B 129 -0.31 -4.38 -0.09
CA PRO B 129 -0.06 -4.57 1.36
C PRO B 129 1.30 -5.16 1.71
N ILE B 130 1.75 -4.76 2.93
CA ILE B 130 2.95 -5.26 3.56
C ILE B 130 2.51 -6.18 4.69
N LEU B 131 3.09 -7.40 4.77
CA LEU B 131 2.66 -8.45 5.69
C LEU B 131 3.63 -8.88 6.78
N ASP B 132 3.07 -9.26 7.95
CA ASP B 132 3.86 -9.82 9.04
C ASP B 132 3.88 -11.38 8.90
N LYS B 133 4.63 -12.11 9.77
CA LYS B 133 4.75 -13.57 9.64
C LYS B 133 3.42 -14.32 9.86
N CYS B 134 2.43 -13.67 10.50
CA CYS B 134 1.10 -14.29 10.64
C CYS B 134 0.17 -13.96 9.50
N GLY B 135 0.60 -13.11 8.56
CA GLY B 135 -0.20 -12.66 7.44
C GLY B 135 -1.03 -11.42 7.71
N ARG B 136 -0.82 -10.74 8.84
CA ARG B 136 -1.55 -9.50 9.18
C ARG B 136 -0.97 -8.32 8.44
N VAL B 137 -1.84 -7.44 7.90
CA VAL B 137 -1.36 -6.28 7.16
C VAL B 137 -0.81 -5.23 8.12
N ILE B 138 0.51 -5.03 8.11
CA ILE B 138 1.17 -4.02 8.93
C ILE B 138 1.26 -2.65 8.22
N GLY B 139 0.83 -2.55 6.95
CA GLY B 139 0.87 -1.26 6.26
C GLY B 139 0.73 -1.37 4.77
N LEU B 140 0.74 -0.23 4.06
CA LEU B 140 0.58 -0.23 2.59
C LEU B 140 1.80 0.41 1.96
N TYR B 141 2.18 -0.12 0.80
CA TYR B 141 3.35 0.29 0.01
C TYR B 141 2.93 1.24 -1.10
N GLY B 142 3.67 2.33 -1.32
CA GLY B 142 3.33 3.24 -2.41
C GLY B 142 3.40 4.73 -2.16
N ASN B 143 3.90 5.16 -0.99
CA ASN B 143 4.15 6.56 -0.69
C ASN B 143 5.55 6.61 -0.13
N GLY B 144 6.46 7.21 -0.88
CA GLY B 144 7.84 7.27 -0.46
C GLY B 144 8.65 8.28 -1.23
N VAL B 145 9.89 7.88 -1.55
CA VAL B 145 10.82 8.77 -2.22
C VAL B 145 11.72 8.00 -3.23
N VAL B 146 12.22 8.73 -4.23
CA VAL B 146 13.11 8.20 -5.26
C VAL B 146 14.51 8.71 -4.92
N ILE B 147 15.44 7.81 -4.61
CA ILE B 147 16.80 8.18 -4.21
C ILE B 147 17.81 8.17 -5.39
N LYS B 148 19.05 8.63 -5.14
CA LYS B 148 20.23 8.76 -6.00
C LYS B 148 20.12 8.26 -7.48
N ASN B 149 19.90 6.96 -7.70
CA ASN B 149 19.93 6.34 -9.03
C ASN B 149 18.57 6.06 -9.68
N GLY B 150 17.52 6.65 -9.13
CA GLY B 150 16.17 6.40 -9.63
C GLY B 150 15.50 5.23 -8.93
N SER B 151 16.10 4.73 -7.82
CA SER B 151 15.54 3.62 -7.04
CA SER B 151 15.49 3.62 -7.09
C SER B 151 14.42 4.14 -6.12
N TYR B 152 13.45 3.29 -5.84
CA TYR B 152 12.32 3.68 -5.00
C TYR B 152 12.33 3.09 -3.59
N VAL B 153 12.06 3.91 -2.59
CA VAL B 153 11.95 3.48 -1.20
C VAL B 153 10.59 3.97 -0.73
N SER B 154 9.69 3.07 -0.31
CA SER B 154 8.37 3.43 0.19
C SER B 154 8.31 3.38 1.71
N ALA B 155 7.46 4.20 2.33
CA ALA B 155 7.24 4.12 3.77
C ALA B 155 6.34 2.89 4.06
N ILE B 156 6.30 2.42 5.32
CA ILE B 156 5.36 1.39 5.70
C ILE B 156 4.19 2.20 6.29
N THR B 157 3.17 2.51 5.47
CA THR B 157 2.07 3.38 5.90
C THR B 157 0.89 2.66 6.55
N GLN B 158 0.71 2.85 7.85
CA GLN B 158 -0.39 2.24 8.57
C GLN B 158 -1.33 3.34 9.13
N GLY B 159 -2.64 3.07 9.18
CA GLY B 159 -3.60 3.98 9.76
C GLY B 159 -3.94 3.61 11.20
N LYS B 160 -4.88 4.34 11.79
CA LYS B 160 -5.27 4.11 13.18
C LYS B 160 -6.68 3.50 13.29
N ARG B 161 -6.81 2.34 13.97
CA ARG B 161 -8.11 1.71 14.14
C ARG B 161 -8.78 2.35 15.37
N GLU B 162 -10.04 2.78 15.24
CA GLU B 162 -10.75 3.44 16.34
C GLU B 162 -11.36 2.47 17.35
S DMS C . -13.16 13.73 -6.07
O DMS C . -13.17 12.97 -4.81
C1 DMS C . -14.29 12.84 -7.09
C2 DMS C . -11.68 13.26 -6.92
N1 A1BGR D . 1.85 10.23 -6.34
N3 A1BGR D . 8.35 3.57 -9.61
C4 A1BGR D . 5.05 5.80 -6.91
C5 A1BGR D . 4.71 4.63 -6.25
C6 A1BGR D . 5.41 3.47 -6.52
C7 A1BGR D . 6.49 3.47 -7.37
C8 A1BGR D . 6.87 4.64 -8.01
C10 A1BGR D . 9.51 3.35 -10.51
C13 A1BGR D . 10.76 3.17 -9.64
C15 A1BGR D . 2.90 9.61 -4.48
C1 A1BGR D . 1.03 10.87 -7.36
O1 A1BGR D . 2.67 9.10 -6.63
C2 A1BGR D . 3.29 8.75 -5.45
C3 A1BGR D . 4.22 7.62 -5.44
O2 A1BGR D . 4.80 7.28 -4.41
N2 A1BGR D . 4.37 7.00 -6.65
CL1 A1BGR D . 4.94 2.00 -5.72
C9 A1BGR D . 8.05 4.69 -8.94
O3 A1BGR D . 8.68 5.74 -9.08
C11 A1BGR D . 9.29 2.07 -11.32
C12 A1BGR D . 9.72 4.52 -11.47
O4 A1BGR D . 10.70 2.07 -8.75
C14 A1BGR D . 6.15 5.81 -7.78
C16 A1BGR D . 2.00 10.53 -5.04
O5 A1BGR D . 1.42 11.50 -4.45
#